data_3SVL
#
_entry.id   3SVL
#
_cell.length_a   107.255
_cell.length_b   107.255
_cell.length_c   128.251
_cell.angle_alpha   90.00
_cell.angle_beta   90.00
_cell.angle_gamma   120.00
#
_symmetry.space_group_name_H-M   'P 63 2 2'
#
loop_
_entity.id
_entity.type
_entity.pdbx_description
1 polymer 'protein yieF'
2 non-polymer 'FLAVIN MONONUCLEOTIDE'
3 non-polymer 'CALCIUM ION'
4 water water
#
_entity_poly.entity_id   1
_entity_poly.type   'polypeptide(L)'
_entity_poly.pdbx_seq_one_letter_code
;MAEKLQVVTLLGSLRKGSFNGMVARTLPKIAPASMEVNALPSIADIPLYDADVQQEEGFPATVEALAEQIRQADGVVIVT
PEYNYSVPGGLKNAIDWLSRLPDQPLAGKPVLIQTSSMGVIGGARCQYHLRQILVFLDAMVMNKPEFMGGVIQNKVDPQT
GEVIDQGTLDHLTGQLTAFGEFIQRVKILEGSS
;
_entity_poly.pdbx_strand_id   A,B
#
# COMPACT_ATOMS: atom_id res chain seq x y z
N LYS A 4 -30.69 16.28 2.61
CA LYS A 4 -29.43 16.30 3.41
C LYS A 4 -28.40 15.32 2.84
N LEU A 5 -27.12 15.72 2.84
CA LEU A 5 -26.05 14.88 2.31
C LEU A 5 -25.62 13.74 3.23
N GLN A 6 -25.32 12.58 2.64
CA GLN A 6 -24.86 11.40 3.37
C GLN A 6 -23.37 11.21 3.14
N VAL A 7 -22.59 11.34 4.20
CA VAL A 7 -21.15 11.20 4.10
C VAL A 7 -20.62 10.10 5.01
N VAL A 8 -19.75 9.27 4.45
CA VAL A 8 -19.18 8.16 5.22
C VAL A 8 -17.68 8.25 5.38
N THR A 9 -17.17 7.56 6.38
CA THR A 9 -15.74 7.59 6.66
C THR A 9 -15.05 6.24 6.51
N LEU A 10 -13.93 6.24 5.78
CA LEU A 10 -13.13 5.05 5.56
C LEU A 10 -11.89 5.20 6.47
N LEU A 11 -11.77 4.30 7.43
CA LEU A 11 -10.67 4.36 8.41
C LEU A 11 -9.44 3.54 8.03
N GLY A 12 -8.27 4.19 8.08
CA GLY A 12 -7.02 3.52 7.73
C GLY A 12 -6.23 2.83 8.83
N SER A 13 -6.64 2.98 10.09
CA SER A 13 -5.95 2.31 11.19
C SER A 13 -6.87 1.29 11.86
N LEU A 14 -6.29 0.19 12.34
CA LEU A 14 -7.07 -0.87 12.98
C LEU A 14 -7.02 -0.96 14.52
N ARG A 15 -5.99 -0.42 15.16
CA ARG A 15 -5.91 -0.51 16.63
C ARG A 15 -7.07 0.24 17.27
N LYS A 16 -7.55 -0.25 18.41
CA LYS A 16 -8.69 0.40 19.07
C LYS A 16 -8.39 1.80 19.61
N GLY A 17 -7.14 2.07 19.97
CA GLY A 17 -6.79 3.39 20.46
C GLY A 17 -6.45 4.39 19.36
N SER A 18 -6.79 4.05 18.12
CA SER A 18 -6.50 4.89 16.96
C SER A 18 -6.89 6.38 17.09
N PHE A 19 -5.89 7.24 16.90
CA PHE A 19 -6.14 8.68 16.97
C PHE A 19 -6.93 9.11 15.74
N ASN A 20 -6.62 8.52 14.59
CA ASN A 20 -7.34 8.84 13.37
C ASN A 20 -8.78 8.40 13.53
N GLY A 21 -8.99 7.31 14.25
CA GLY A 21 -10.33 6.81 14.50
C GLY A 21 -11.07 7.86 15.33
N MET A 22 -10.35 8.50 16.25
CA MET A 22 -10.92 9.54 17.10
C MET A 22 -11.38 10.71 16.23
N VAL A 23 -10.55 11.06 15.25
CA VAL A 23 -10.88 12.14 14.33
C VAL A 23 -12.17 11.74 13.61
N ALA A 24 -12.16 10.54 13.04
CA ALA A 24 -13.32 10.04 12.31
C ALA A 24 -14.60 10.09 13.13
N ARG A 25 -14.56 9.62 14.37
CA ARG A 25 -15.79 9.61 15.17
C ARG A 25 -16.20 10.99 15.70
N THR A 26 -15.35 11.98 15.49
CA THR A 26 -15.66 13.34 15.94
C THR A 26 -16.41 14.09 14.85
N LEU A 27 -16.16 13.73 13.59
CA LEU A 27 -16.79 14.38 12.45
C LEU A 27 -18.32 14.52 12.49
N PRO A 28 -19.02 13.51 13.04
CA PRO A 28 -20.49 13.62 13.08
C PRO A 28 -21.06 14.86 13.79
N LYS A 29 -20.45 15.30 14.88
CA LYS A 29 -21.02 16.46 15.54
C LYS A 29 -20.42 17.83 15.24
N ILE A 30 -19.60 17.92 14.21
CA ILE A 30 -19.01 19.20 13.83
C ILE A 30 -19.26 19.47 12.35
N ALA A 31 -19.99 18.57 11.70
CA ALA A 31 -20.31 18.71 10.29
C ALA A 31 -21.44 19.72 10.08
N PRO A 32 -21.55 20.28 8.87
CA PRO A 32 -22.60 21.26 8.57
C PRO A 32 -23.97 20.65 8.87
N ALA A 33 -24.99 21.49 9.01
CA ALA A 33 -26.34 21.00 9.32
C ALA A 33 -26.99 20.28 8.14
N SER A 34 -26.31 20.27 7.00
CA SER A 34 -26.84 19.61 5.81
C SER A 34 -26.10 18.30 5.53
N MET A 35 -25.33 17.82 6.51
CA MET A 35 -24.55 16.62 6.34
C MET A 35 -24.67 15.64 7.52
N GLU A 36 -24.83 14.36 7.20
CA GLU A 36 -24.94 13.32 8.22
C GLU A 36 -23.75 12.40 7.99
N VAL A 37 -22.79 12.44 8.90
CA VAL A 37 -21.61 11.60 8.79
C VAL A 37 -21.74 10.30 9.58
N ASN A 38 -21.53 9.19 8.87
CA ASN A 38 -21.59 7.87 9.48
C ASN A 38 -20.35 7.11 9.04
N ALA A 39 -19.98 6.08 9.79
CA ALA A 39 -18.80 5.28 9.46
C ALA A 39 -19.12 4.07 8.59
N LEU A 40 -18.12 3.67 7.81
CA LEU A 40 -18.24 2.50 6.95
C LEU A 40 -17.75 1.34 7.79
N PRO A 41 -17.87 0.10 7.28
CA PRO A 41 -17.39 -1.06 8.06
C PRO A 41 -15.86 -1.04 8.11
N SER A 42 -15.30 -1.72 9.10
CA SER A 42 -13.85 -1.80 9.25
C SER A 42 -13.26 -2.63 8.12
N ILE A 43 -12.04 -2.30 7.70
CA ILE A 43 -11.36 -3.03 6.63
C ILE A 43 -10.57 -4.22 7.17
N ALA A 44 -10.66 -4.45 8.47
CA ALA A 44 -9.94 -5.53 9.12
C ALA A 44 -10.20 -6.93 8.56
N ASP A 45 -11.44 -7.25 8.22
CA ASP A 45 -11.71 -8.59 7.70
C ASP A 45 -11.43 -8.78 6.21
N ILE A 46 -11.21 -7.69 5.49
CA ILE A 46 -10.93 -7.79 4.06
C ILE A 46 -9.61 -8.51 3.82
N PRO A 47 -9.66 -9.67 3.16
CA PRO A 47 -8.48 -10.50 2.85
C PRO A 47 -7.57 -9.89 1.78
N LEU A 48 -6.31 -10.31 1.76
CA LEU A 48 -5.36 -9.80 0.79
C LEU A 48 -5.85 -10.03 -0.64
N TYR A 49 -5.63 -9.07 -1.52
CA TYR A 49 -6.08 -9.23 -2.90
C TYR A 49 -5.32 -10.34 -3.64
N ASP A 50 -6.08 -11.16 -4.36
CA ASP A 50 -5.53 -12.27 -5.14
C ASP A 50 -6.50 -12.52 -6.30
N ALA A 51 -6.03 -12.30 -7.52
CA ALA A 51 -6.89 -12.50 -8.69
C ALA A 51 -7.49 -13.92 -8.70
N ASP A 52 -6.76 -14.91 -8.21
CA ASP A 52 -7.28 -16.27 -8.18
C ASP A 52 -8.57 -16.32 -7.34
N VAL A 53 -8.57 -15.61 -6.22
CA VAL A 53 -9.75 -15.58 -5.36
C VAL A 53 -10.92 -14.87 -6.08
N GLN A 54 -10.61 -13.76 -6.76
CA GLN A 54 -11.64 -13.02 -7.48
C GLN A 54 -12.29 -13.91 -8.52
N GLN A 55 -11.48 -14.72 -9.19
CA GLN A 55 -11.98 -15.61 -10.23
C GLN A 55 -12.71 -16.82 -9.70
N GLU A 56 -12.09 -17.54 -8.77
CA GLU A 56 -12.67 -18.74 -8.19
C GLU A 56 -13.84 -18.54 -7.21
N GLU A 57 -13.70 -17.59 -6.29
CA GLU A 57 -14.75 -17.36 -5.30
C GLU A 57 -15.66 -16.17 -5.56
N GLY A 58 -15.21 -15.26 -6.41
CA GLY A 58 -15.98 -14.06 -6.67
C GLY A 58 -15.50 -13.03 -5.65
N PHE A 59 -16.11 -11.87 -5.60
CA PHE A 59 -15.70 -10.85 -4.64
C PHE A 59 -16.18 -11.17 -3.24
N PRO A 60 -15.33 -10.92 -2.24
CA PRO A 60 -15.66 -11.16 -0.83
C PRO A 60 -16.91 -10.37 -0.45
N ALA A 61 -17.73 -10.95 0.43
CA ALA A 61 -18.96 -10.29 0.87
C ALA A 61 -18.65 -8.95 1.58
N THR A 62 -17.58 -8.94 2.37
CA THR A 62 -17.18 -7.73 3.08
C THR A 62 -16.85 -6.61 2.09
N VAL A 63 -16.20 -6.97 0.99
CA VAL A 63 -15.84 -6.00 -0.05
C VAL A 63 -17.09 -5.45 -0.72
N GLU A 64 -18.06 -6.34 -0.99
CA GLU A 64 -19.31 -5.94 -1.62
C GLU A 64 -20.08 -5.01 -0.70
N ALA A 65 -20.11 -5.31 0.59
CA ALA A 65 -20.81 -4.49 1.55
C ALA A 65 -20.17 -3.09 1.60
N LEU A 66 -18.86 -3.05 1.74
CA LEU A 66 -18.15 -1.77 1.77
C LEU A 66 -18.52 -0.95 0.52
N ALA A 67 -18.46 -1.60 -0.64
CA ALA A 67 -18.76 -0.95 -1.92
C ALA A 67 -20.17 -0.34 -2.01
N GLU A 68 -21.17 -1.11 -1.63
CA GLU A 68 -22.54 -0.62 -1.71
C GLU A 68 -22.76 0.61 -0.84
N GLN A 69 -22.15 0.63 0.34
CA GLN A 69 -22.28 1.78 1.21
C GLN A 69 -21.59 2.98 0.58
N ILE A 70 -20.52 2.73 -0.17
CA ILE A 70 -19.79 3.81 -0.85
C ILE A 70 -20.68 4.39 -1.95
N ARG A 71 -21.37 3.51 -2.68
CA ARG A 71 -22.26 3.92 -3.78
C ARG A 71 -23.44 4.76 -3.35
N GLN A 72 -23.97 4.48 -2.17
CA GLN A 72 -25.12 5.20 -1.64
C GLN A 72 -24.74 6.57 -1.07
N ALA A 73 -23.51 6.70 -0.59
CA ALA A 73 -23.05 7.96 -0.02
C ALA A 73 -22.86 9.05 -1.07
N ASP A 74 -23.00 10.30 -0.64
CA ASP A 74 -22.81 11.43 -1.54
C ASP A 74 -21.33 11.79 -1.55
N GLY A 75 -20.61 11.29 -0.53
CA GLY A 75 -19.19 11.57 -0.43
C GLY A 75 -18.46 10.70 0.57
N VAL A 76 -17.16 10.53 0.37
CA VAL A 76 -16.35 9.71 1.25
C VAL A 76 -15.16 10.46 1.84
N VAL A 77 -15.02 10.36 3.15
CA VAL A 77 -13.90 10.99 3.81
C VAL A 77 -12.96 9.87 4.20
N ILE A 78 -11.76 9.90 3.65
CA ILE A 78 -10.76 8.90 3.98
C ILE A 78 -9.92 9.46 5.11
N VAL A 79 -9.97 8.79 6.26
CA VAL A 79 -9.25 9.21 7.45
C VAL A 79 -8.21 8.13 7.72
N THR A 80 -6.93 8.49 7.63
CA THR A 80 -5.90 7.49 7.80
C THR A 80 -4.55 8.01 8.26
N PRO A 81 -3.74 7.13 8.85
CA PRO A 81 -2.41 7.54 9.31
C PRO A 81 -1.49 7.35 8.11
N GLU A 82 -0.21 7.61 8.33
CA GLU A 82 0.81 7.45 7.30
C GLU A 82 1.77 6.41 7.87
N TYR A 83 1.99 5.33 7.11
CA TYR A 83 2.91 4.27 7.50
C TYR A 83 4.07 4.27 6.53
N ASN A 84 5.27 4.37 7.07
CA ASN A 84 6.47 4.35 6.24
C ASN A 84 6.41 5.26 5.03
N TYR A 85 6.15 6.54 5.27
CA TYR A 85 6.09 7.56 4.22
C TYR A 85 5.09 7.30 3.11
N SER A 86 4.04 6.54 3.39
CA SER A 86 3.06 6.27 2.35
C SER A 86 1.73 5.83 2.93
N VAL A 87 0.90 5.21 2.10
CA VAL A 87 -0.41 4.72 2.49
C VAL A 87 -0.29 3.38 3.20
N PRO A 88 -1.04 3.18 4.31
CA PRO A 88 -0.98 1.91 5.06
C PRO A 88 -1.36 0.72 4.18
N GLY A 89 -0.70 -0.40 4.40
CA GLY A 89 -0.98 -1.59 3.61
C GLY A 89 -2.43 -2.03 3.58
N GLY A 90 -3.08 -2.09 4.74
CA GLY A 90 -4.47 -2.52 4.82
C GLY A 90 -5.46 -1.67 4.06
N LEU A 91 -5.33 -0.35 4.21
CA LEU A 91 -6.23 0.57 3.51
C LEU A 91 -6.05 0.38 2.00
N LYS A 92 -4.81 0.42 1.54
CA LYS A 92 -4.50 0.25 0.13
C LYS A 92 -5.03 -1.06 -0.45
N ASN A 93 -4.91 -2.14 0.31
CA ASN A 93 -5.40 -3.45 -0.11
C ASN A 93 -6.92 -3.41 -0.28
N ALA A 94 -7.61 -2.67 0.59
CA ALA A 94 -9.07 -2.56 0.49
C ALA A 94 -9.41 -1.78 -0.78
N ILE A 95 -8.59 -0.79 -1.10
CA ILE A 95 -8.78 0.02 -2.30
C ILE A 95 -8.52 -0.84 -3.53
N ASP A 96 -7.51 -1.71 -3.46
CA ASP A 96 -7.19 -2.58 -4.57
C ASP A 96 -8.42 -3.44 -4.89
N TRP A 97 -9.05 -3.99 -3.85
CA TRP A 97 -10.25 -4.82 -4.04
C TRP A 97 -11.39 -4.02 -4.68
N LEU A 98 -11.69 -2.85 -4.12
CA LEU A 98 -12.76 -2.02 -4.67
C LEU A 98 -12.51 -1.66 -6.14
N SER A 99 -11.25 -1.38 -6.48
CA SER A 99 -10.92 -0.98 -7.85
C SER A 99 -11.22 -2.05 -8.92
N ARG A 100 -11.35 -3.31 -8.52
CA ARG A 100 -11.61 -4.38 -9.48
C ARG A 100 -13.11 -4.63 -9.74
N LEU A 101 -13.97 -3.97 -8.98
CA LEU A 101 -15.41 -4.15 -9.13
C LEU A 101 -15.95 -3.61 -10.44
N PRO A 102 -16.84 -4.37 -11.10
CA PRO A 102 -17.45 -4.01 -12.38
C PRO A 102 -18.00 -2.58 -12.38
N ASP A 103 -18.79 -2.24 -11.38
CA ASP A 103 -19.34 -0.90 -11.26
C ASP A 103 -18.49 -0.15 -10.23
N GLN A 104 -17.20 -0.02 -10.53
CA GLN A 104 -16.21 0.63 -9.67
C GLN A 104 -16.80 1.77 -8.84
N PRO A 105 -17.06 1.51 -7.55
CA PRO A 105 -17.63 2.36 -6.49
C PRO A 105 -17.09 3.79 -6.37
N LEU A 106 -15.78 3.96 -6.47
CA LEU A 106 -15.18 5.27 -6.34
C LEU A 106 -15.12 6.11 -7.61
N ALA A 107 -15.50 5.51 -8.75
CA ALA A 107 -15.47 6.26 -10.00
C ALA A 107 -16.46 7.43 -9.88
N GLY A 108 -15.95 8.65 -10.03
CA GLY A 108 -16.78 9.83 -9.94
C GLY A 108 -17.26 10.18 -8.54
N LYS A 109 -16.80 9.43 -7.55
CA LYS A 109 -17.18 9.67 -6.15
C LYS A 109 -16.34 10.77 -5.49
N PRO A 110 -16.99 11.84 -4.98
CA PRO A 110 -16.24 12.92 -4.33
C PRO A 110 -15.53 12.42 -3.06
N VAL A 111 -14.25 12.71 -2.96
CA VAL A 111 -13.45 12.26 -1.82
C VAL A 111 -12.71 13.36 -1.08
N LEU A 112 -12.74 13.24 0.25
CA LEU A 112 -12.08 14.17 1.14
C LEU A 112 -11.01 13.39 1.91
N ILE A 113 -9.78 13.92 1.94
CA ILE A 113 -8.69 13.25 2.65
C ILE A 113 -8.27 13.94 3.94
N GLN A 114 -8.08 13.16 4.99
CA GLN A 114 -7.58 13.72 6.24
C GLN A 114 -6.68 12.70 6.95
N THR A 115 -5.55 13.19 7.44
CA THR A 115 -4.58 12.35 8.12
C THR A 115 -4.09 12.98 9.41
N SER A 116 -3.67 12.13 10.34
CA SER A 116 -3.16 12.57 11.63
C SER A 116 -1.94 11.73 11.96
N SER A 117 -1.03 12.33 12.74
CA SER A 117 0.18 11.65 13.14
C SER A 117 0.68 12.19 14.47
N MET A 118 1.59 11.44 15.09
CA MET A 118 2.16 11.82 16.37
C MET A 118 3.31 12.80 16.15
N GLY A 119 3.62 13.06 14.88
CA GLY A 119 4.69 13.97 14.55
C GLY A 119 4.16 15.25 13.92
N VAL A 120 5.03 16.24 13.78
CA VAL A 120 4.65 17.54 13.22
C VAL A 120 4.18 17.51 11.78
N ILE A 121 4.63 16.55 10.97
CA ILE A 121 4.22 16.49 9.57
C ILE A 121 2.74 16.08 9.40
N GLY A 122 2.18 15.43 10.41
CA GLY A 122 0.78 15.03 10.36
C GLY A 122 0.29 14.12 9.25
N GLY A 123 1.17 13.27 8.71
CA GLY A 123 0.78 12.35 7.66
C GLY A 123 0.65 12.98 6.29
N ALA A 124 1.38 14.07 6.07
CA ALA A 124 1.34 14.78 4.80
C ALA A 124 1.81 13.92 3.60
N ARG A 125 2.92 13.21 3.76
CA ARG A 125 3.42 12.38 2.66
C ARG A 125 2.35 11.41 2.15
N CYS A 126 1.72 10.69 3.08
CA CYS A 126 0.67 9.73 2.73
C CYS A 126 -0.39 10.34 1.82
N GLN A 127 -0.75 11.59 2.08
CA GLN A 127 -1.79 12.25 1.30
C GLN A 127 -1.56 12.35 -0.20
N TYR A 128 -0.35 12.70 -0.61
CA TYR A 128 -0.06 12.84 -2.03
C TYR A 128 0.06 11.51 -2.76
N HIS A 129 0.53 10.48 -2.07
CA HIS A 129 0.61 9.17 -2.70
C HIS A 129 -0.83 8.74 -2.90
N LEU A 130 -1.66 8.99 -1.89
CA LEU A 130 -3.06 8.61 -1.95
C LEU A 130 -3.77 9.36 -3.07
N ARG A 131 -3.38 10.61 -3.32
CA ARG A 131 -3.97 11.40 -4.40
C ARG A 131 -3.60 10.79 -5.76
N GLN A 132 -2.37 10.29 -5.88
CA GLN A 132 -1.93 9.68 -7.13
C GLN A 132 -2.74 8.41 -7.38
N ILE A 133 -2.97 7.63 -6.33
CA ILE A 133 -3.74 6.41 -6.42
C ILE A 133 -5.18 6.71 -6.84
N LEU A 134 -5.76 7.75 -6.25
CA LEU A 134 -7.15 8.11 -6.53
C LEU A 134 -7.42 8.54 -7.98
N VAL A 135 -6.37 8.90 -8.70
CA VAL A 135 -6.53 9.29 -10.10
C VAL A 135 -7.00 8.07 -10.90
N PHE A 136 -6.37 6.92 -10.68
CA PHE A 136 -6.74 5.72 -11.42
C PHE A 136 -8.12 5.19 -11.02
N LEU A 137 -8.57 5.51 -9.80
CA LEU A 137 -9.90 5.09 -9.40
C LEU A 137 -10.92 6.09 -9.95
N ASP A 138 -10.40 7.18 -10.50
CA ASP A 138 -11.22 8.23 -11.11
C ASP A 138 -12.15 8.91 -10.10
N ALA A 139 -11.60 9.22 -8.94
CA ALA A 139 -12.38 9.88 -7.90
C ALA A 139 -12.27 11.40 -8.07
N MET A 140 -13.22 12.12 -7.49
CA MET A 140 -13.24 13.58 -7.52
C MET A 140 -12.69 14.01 -6.16
N VAL A 141 -11.39 14.25 -6.10
CA VAL A 141 -10.77 14.65 -4.84
C VAL A 141 -10.68 16.16 -4.65
N MET A 142 -11.16 16.63 -3.50
CA MET A 142 -11.15 18.07 -3.18
C MET A 142 -9.74 18.56 -2.90
N ASN A 143 -9.46 19.80 -3.24
CA ASN A 143 -8.14 20.35 -3.00
C ASN A 143 -7.99 20.96 -1.63
N LYS A 144 -8.59 22.13 -1.43
CA LYS A 144 -8.48 22.82 -0.15
C LYS A 144 -9.80 23.04 0.55
N PRO A 145 -9.77 23.19 1.88
CA PRO A 145 -8.54 23.15 2.69
C PRO A 145 -8.12 21.72 3.01
N GLU A 146 -6.82 21.50 3.20
CA GLU A 146 -6.34 20.17 3.54
C GLU A 146 -6.20 20.07 5.05
N PHE A 147 -6.12 18.83 5.54
CA PHE A 147 -6.00 18.62 6.97
C PHE A 147 -4.93 17.60 7.35
N MET A 148 -3.91 18.09 8.03
CA MET A 148 -2.82 17.23 8.51
C MET A 148 -2.77 17.44 10.01
N GLY A 149 -3.30 16.49 10.78
CA GLY A 149 -3.29 16.61 12.22
C GLY A 149 -1.95 16.30 12.86
N GLY A 150 -1.13 17.33 13.04
CA GLY A 150 0.18 17.15 13.65
C GLY A 150 0.07 16.90 15.14
N VAL A 151 0.83 15.93 15.63
CA VAL A 151 0.80 15.53 17.04
C VAL A 151 -0.63 15.50 17.62
N ILE A 152 -1.50 14.69 17.02
CA ILE A 152 -2.88 14.58 17.49
C ILE A 152 -3.03 14.13 18.95
N GLN A 153 -2.04 13.43 19.49
CA GLN A 153 -2.11 12.96 20.88
C GLN A 153 -2.31 14.09 21.90
N ASN A 154 -1.75 15.27 21.62
CA ASN A 154 -1.89 16.39 22.54
C ASN A 154 -3.21 17.12 22.39
N LYS A 155 -4.00 16.78 21.38
CA LYS A 155 -5.26 17.49 21.20
C LYS A 155 -6.53 16.66 21.23
N VAL A 156 -6.47 15.50 21.87
CA VAL A 156 -7.63 14.64 21.97
C VAL A 156 -7.99 14.37 23.44
N ASP A 157 -9.16 13.80 23.66
CA ASP A 157 -9.62 13.45 24.99
C ASP A 157 -9.87 11.94 25.03
N PRO A 158 -8.97 11.19 25.69
CA PRO A 158 -9.04 9.73 25.83
C PRO A 158 -10.34 9.16 26.39
N GLN A 159 -10.91 9.81 27.41
CA GLN A 159 -12.16 9.32 27.97
C GLN A 159 -13.26 9.25 26.91
N THR A 160 -13.38 10.27 26.08
CA THR A 160 -14.43 10.26 25.05
C THR A 160 -13.94 9.73 23.70
N GLY A 161 -12.62 9.75 23.48
CA GLY A 161 -12.08 9.28 22.21
C GLY A 161 -12.44 10.20 21.06
N GLU A 162 -12.51 11.50 21.35
CA GLU A 162 -12.83 12.50 20.33
C GLU A 162 -11.82 13.64 20.41
N VAL A 163 -11.78 14.48 19.38
CA VAL A 163 -10.87 15.62 19.36
C VAL A 163 -11.47 16.74 20.21
N ILE A 164 -10.63 17.51 20.89
CA ILE A 164 -11.11 18.61 21.72
C ILE A 164 -10.45 19.97 21.42
N ASP A 165 -9.22 19.93 20.91
CA ASP A 165 -8.48 21.15 20.56
C ASP A 165 -9.33 22.02 19.64
N GLN A 166 -9.84 23.11 20.19
CA GLN A 166 -10.69 24.05 19.46
C GLN A 166 -10.16 24.43 18.08
N GLY A 167 -8.85 24.61 17.96
CA GLY A 167 -8.26 24.98 16.68
C GLY A 167 -8.47 23.89 15.65
N THR A 168 -8.26 22.65 16.08
CA THR A 168 -8.42 21.51 15.21
C THR A 168 -9.89 21.38 14.82
N LEU A 169 -10.75 21.45 15.82
CA LEU A 169 -12.19 21.34 15.61
C LEU A 169 -12.72 22.31 14.56
N ASP A 170 -12.27 23.56 14.59
CA ASP A 170 -12.75 24.56 13.63
C ASP A 170 -12.19 24.28 12.24
N HIS A 171 -10.97 23.77 12.20
CA HIS A 171 -10.30 23.43 10.95
C HIS A 171 -11.15 22.35 10.29
N LEU A 172 -11.39 21.26 11.01
CA LEU A 172 -12.20 20.16 10.49
C LEU A 172 -13.56 20.66 10.02
N THR A 173 -14.28 21.39 10.87
CA THR A 173 -15.59 21.92 10.52
C THR A 173 -15.52 22.73 9.23
N GLY A 174 -14.49 23.55 9.12
CA GLY A 174 -14.34 24.33 7.90
C GLY A 174 -14.14 23.40 6.72
N GLN A 175 -13.35 22.35 6.90
CA GLN A 175 -13.10 21.42 5.80
C GLN A 175 -14.37 20.72 5.33
N LEU A 176 -15.15 20.24 6.28
CA LEU A 176 -16.40 19.55 5.97
C LEU A 176 -17.35 20.51 5.26
N THR A 177 -17.50 21.71 5.80
CA THR A 177 -18.36 22.71 5.19
C THR A 177 -17.94 22.85 3.73
N ALA A 178 -16.62 22.89 3.52
CA ALA A 178 -16.07 23.02 2.17
C ALA A 178 -16.36 21.78 1.33
N PHE A 179 -16.31 20.60 1.94
CA PHE A 179 -16.56 19.34 1.24
C PHE A 179 -18.03 19.25 0.83
N GLY A 180 -18.90 19.79 1.68
CA GLY A 180 -20.33 19.79 1.38
C GLY A 180 -20.60 20.58 0.11
N GLU A 181 -19.99 21.76 -0.02
CA GLU A 181 -20.18 22.59 -1.21
C GLU A 181 -19.58 21.88 -2.43
N PHE A 182 -18.50 21.14 -2.20
CA PHE A 182 -17.82 20.41 -3.25
C PHE A 182 -18.68 19.37 -3.96
N ILE A 183 -19.55 18.68 -3.21
CA ILE A 183 -20.42 17.64 -3.76
C ILE A 183 -21.16 18.04 -5.06
N GLN A 184 -21.33 19.34 -5.28
CA GLN A 184 -21.98 19.80 -6.50
C GLN A 184 -20.96 20.62 -7.31
N LYS B 4 30.26 -16.68 -3.05
CA LYS B 4 28.96 -16.52 -3.78
C LYS B 4 27.95 -15.64 -3.05
N LEU B 5 27.52 -14.57 -3.69
CA LEU B 5 26.54 -13.67 -3.08
C LEU B 5 25.19 -14.39 -3.04
N GLN B 6 24.43 -14.16 -1.97
CA GLN B 6 23.11 -14.77 -1.81
C GLN B 6 22.03 -13.70 -1.95
N VAL B 7 21.29 -13.75 -3.05
CA VAL B 7 20.22 -12.80 -3.32
C VAL B 7 18.87 -13.52 -3.31
N VAL B 8 17.87 -12.87 -2.72
CA VAL B 8 16.53 -13.45 -2.63
C VAL B 8 15.49 -12.54 -3.29
N THR B 9 14.33 -13.11 -3.61
CA THR B 9 13.27 -12.37 -4.26
C THR B 9 12.01 -12.28 -3.42
N LEU B 10 11.47 -11.07 -3.32
CA LEU B 10 10.24 -10.82 -2.59
C LEU B 10 9.20 -10.57 -3.69
N LEU B 11 8.19 -11.43 -3.76
CA LEU B 11 7.14 -11.33 -4.79
C LEU B 11 5.93 -10.50 -4.39
N GLY B 12 5.59 -9.52 -5.25
CA GLY B 12 4.46 -8.64 -4.98
C GLY B 12 3.09 -9.07 -5.45
N SER B 13 3.00 -10.17 -6.20
CA SER B 13 1.72 -10.68 -6.68
C SER B 13 1.43 -12.06 -6.07
N LEU B 14 0.14 -12.32 -5.80
CA LEU B 14 -0.26 -13.59 -5.20
C LEU B 14 -0.94 -14.57 -6.14
N ARG B 15 -1.12 -14.22 -7.41
CA ARG B 15 -1.80 -15.17 -8.29
C ARG B 15 -0.85 -16.18 -8.90
N LYS B 16 -1.36 -17.39 -9.04
CA LYS B 16 -0.61 -18.53 -9.59
C LYS B 16 0.15 -18.19 -10.88
N GLY B 17 -0.57 -17.60 -11.84
CA GLY B 17 0.05 -17.28 -13.11
C GLY B 17 0.76 -15.95 -13.23
N SER B 18 1.01 -15.30 -12.09
CA SER B 18 1.68 -14.01 -12.06
C SER B 18 2.83 -13.87 -13.06
N PHE B 19 2.86 -12.75 -13.77
CA PHE B 19 3.92 -12.51 -14.73
C PHE B 19 5.20 -12.12 -13.97
N ASN B 20 5.03 -11.32 -12.92
CA ASN B 20 6.18 -10.92 -12.10
C ASN B 20 6.72 -12.17 -11.43
N GLY B 21 5.84 -13.14 -11.21
CA GLY B 21 6.23 -14.40 -10.61
C GLY B 21 7.14 -15.13 -11.58
N MET B 22 6.84 -15.00 -12.88
CA MET B 22 7.66 -15.64 -13.91
C MET B 22 9.02 -14.97 -14.00
N VAL B 23 9.04 -13.64 -13.88
CA VAL B 23 10.30 -12.89 -13.94
C VAL B 23 11.19 -13.33 -12.77
N ALA B 24 10.62 -13.44 -11.59
CA ALA B 24 11.37 -13.85 -10.39
C ALA B 24 11.98 -15.26 -10.51
N ARG B 25 11.21 -16.20 -11.06
CA ARG B 25 11.70 -17.56 -11.21
C ARG B 25 12.75 -17.67 -12.31
N THR B 26 12.80 -16.69 -13.19
CA THR B 26 13.77 -16.72 -14.26
C THR B 26 15.14 -16.22 -13.79
N LEU B 27 15.13 -15.30 -12.84
CA LEU B 27 16.35 -14.71 -12.29
C LEU B 27 17.41 -15.70 -11.81
N PRO B 28 17.00 -16.79 -11.16
CA PRO B 28 18.04 -17.72 -10.69
C PRO B 28 18.80 -18.35 -11.86
N LYS B 29 18.12 -18.53 -12.99
CA LYS B 29 18.72 -19.14 -14.16
C LYS B 29 19.58 -18.24 -15.04
N ILE B 30 19.52 -16.93 -14.80
CA ILE B 30 20.31 -16.01 -15.60
C ILE B 30 21.19 -15.09 -14.77
N ALA B 31 21.41 -15.46 -13.51
CA ALA B 31 22.25 -14.63 -12.63
C ALA B 31 23.73 -14.84 -12.93
N PRO B 32 24.55 -13.81 -12.68
CA PRO B 32 25.98 -14.00 -12.95
C PRO B 32 26.50 -15.15 -12.09
N ALA B 33 27.51 -15.84 -12.59
CA ALA B 33 28.09 -17.00 -11.90
C ALA B 33 28.49 -16.75 -10.45
N SER B 34 28.69 -15.49 -10.08
CA SER B 34 29.07 -15.14 -8.73
C SER B 34 27.86 -14.86 -7.84
N MET B 35 26.67 -15.10 -8.37
CA MET B 35 25.44 -14.85 -7.62
C MET B 35 24.47 -16.03 -7.58
N GLU B 36 23.81 -16.21 -6.46
CA GLU B 36 22.84 -17.28 -6.31
C GLU B 36 21.52 -16.66 -5.88
N VAL B 37 20.44 -16.97 -6.58
CA VAL B 37 19.13 -16.42 -6.25
C VAL B 37 18.14 -17.47 -5.78
N ASN B 38 17.37 -17.13 -4.76
CA ASN B 38 16.36 -18.02 -4.20
C ASN B 38 15.09 -17.21 -3.93
N ALA B 39 13.95 -17.89 -3.93
CA ALA B 39 12.70 -17.20 -3.66
C ALA B 39 12.45 -17.14 -2.16
N LEU B 40 11.88 -16.02 -1.73
CA LEU B 40 11.55 -15.81 -0.33
C LEU B 40 10.18 -16.46 -0.09
N PRO B 41 9.82 -16.70 1.17
CA PRO B 41 8.49 -17.31 1.37
C PRO B 41 7.40 -16.32 0.91
N SER B 42 6.24 -16.85 0.56
CA SER B 42 5.11 -16.03 0.11
C SER B 42 4.55 -15.15 1.23
N ILE B 43 4.04 -13.98 0.85
CA ILE B 43 3.49 -13.04 1.82
C ILE B 43 1.98 -13.20 2.01
N ALA B 44 1.39 -14.12 1.24
CA ALA B 44 -0.05 -14.37 1.28
C ALA B 44 -0.70 -14.59 2.65
N ASP B 45 -0.07 -15.34 3.55
CA ASP B 45 -0.67 -15.60 4.84
C ASP B 45 -0.40 -14.56 5.94
N ILE B 46 0.29 -13.47 5.59
CA ILE B 46 0.57 -12.43 6.55
C ILE B 46 -0.70 -11.61 6.81
N PRO B 47 -1.13 -11.51 8.08
CA PRO B 47 -2.34 -10.75 8.42
C PRO B 47 -2.15 -9.23 8.30
N LEU B 48 -3.26 -8.51 8.19
CA LEU B 48 -3.19 -7.06 8.09
C LEU B 48 -2.57 -6.50 9.37
N TYR B 49 -1.70 -5.51 9.23
CA TYR B 49 -1.03 -4.93 10.40
C TYR B 49 -1.98 -4.23 11.36
N ASP B 50 -1.81 -4.52 12.65
CA ASP B 50 -2.64 -3.95 13.71
C ASP B 50 -1.72 -3.78 14.94
N ALA B 51 -1.52 -2.55 15.38
CA ALA B 51 -0.66 -2.29 16.54
C ALA B 51 -1.07 -3.10 17.77
N ASP B 52 -2.38 -3.31 17.95
CA ASP B 52 -2.86 -4.09 19.10
C ASP B 52 -2.34 -5.53 19.06
N VAL B 53 -2.36 -6.15 17.89
CA VAL B 53 -1.87 -7.52 17.74
C VAL B 53 -0.37 -7.60 18.02
N GLN B 54 0.38 -6.62 17.52
CA GLN B 54 1.81 -6.57 17.74
C GLN B 54 2.08 -6.63 19.24
N GLN B 55 1.30 -5.89 20.01
CA GLN B 55 1.50 -5.83 21.45
C GLN B 55 1.01 -7.07 22.20
N GLU B 56 -0.21 -7.51 21.90
CA GLU B 56 -0.80 -8.66 22.59
C GLU B 56 -0.37 -10.04 22.08
N GLU B 57 -0.10 -10.13 20.78
CA GLU B 57 0.27 -11.40 20.15
C GLU B 57 1.75 -11.53 19.80
N GLY B 58 2.43 -10.40 19.62
CA GLY B 58 3.82 -10.44 19.23
C GLY B 58 3.83 -10.44 17.72
N PHE B 59 4.97 -10.76 17.12
CA PHE B 59 5.08 -10.78 15.66
C PHE B 59 4.69 -12.11 15.04
N PRO B 60 3.98 -12.06 13.90
CA PRO B 60 3.54 -13.28 13.20
C PRO B 60 4.75 -14.08 12.76
N ALA B 61 4.69 -15.40 12.97
CA ALA B 61 5.78 -16.30 12.60
C ALA B 61 6.21 -16.08 11.15
N THR B 62 5.23 -15.90 10.28
CA THR B 62 5.51 -15.68 8.86
C THR B 62 6.33 -14.40 8.65
N VAL B 63 6.06 -13.39 9.46
CA VAL B 63 6.79 -12.13 9.35
C VAL B 63 8.23 -12.31 9.84
N GLU B 64 8.42 -13.06 10.91
CA GLU B 64 9.76 -13.29 11.44
C GLU B 64 10.57 -14.24 10.56
N ALA B 65 9.88 -15.16 9.89
CA ALA B 65 10.57 -16.11 9.00
C ALA B 65 11.06 -15.31 7.79
N LEU B 66 10.19 -14.48 7.24
CA LEU B 66 10.55 -13.65 6.10
C LEU B 66 11.68 -12.68 6.47
N ALA B 67 11.60 -12.14 7.68
CA ALA B 67 12.62 -11.20 8.14
C ALA B 67 13.99 -11.84 8.34
N GLU B 68 14.02 -13.04 8.91
CA GLU B 68 15.31 -13.68 9.14
C GLU B 68 15.99 -14.03 7.82
N GLN B 69 15.21 -14.47 6.84
CA GLN B 69 15.80 -14.80 5.54
C GLN B 69 16.33 -13.56 4.81
N ILE B 70 15.70 -12.41 5.04
CA ILE B 70 16.17 -11.18 4.42
C ILE B 70 17.50 -10.75 5.06
N ARG B 71 17.60 -10.88 6.39
CA ARG B 71 18.82 -10.52 7.12
C ARG B 71 20.00 -11.40 6.68
N GLN B 72 19.73 -12.67 6.44
CA GLN B 72 20.74 -13.63 6.03
C GLN B 72 21.30 -13.34 4.64
N ALA B 73 20.44 -12.84 3.74
CA ALA B 73 20.81 -12.54 2.37
C ALA B 73 21.73 -11.32 2.20
N ASP B 74 22.47 -11.30 1.10
CA ASP B 74 23.37 -10.19 0.80
C ASP B 74 22.61 -9.11 0.03
N GLY B 75 21.54 -9.52 -0.65
CA GLY B 75 20.74 -8.57 -1.40
C GLY B 75 19.30 -9.03 -1.61
N VAL B 76 18.41 -8.07 -1.81
CA VAL B 76 17.01 -8.39 -2.03
C VAL B 76 16.47 -7.76 -3.31
N VAL B 77 15.80 -8.58 -4.12
CA VAL B 77 15.18 -8.08 -5.34
C VAL B 77 13.68 -8.09 -5.11
N ILE B 78 13.05 -6.94 -5.23
CA ILE B 78 11.60 -6.86 -5.07
C ILE B 78 10.99 -6.86 -6.46
N VAL B 79 10.28 -7.93 -6.78
CA VAL B 79 9.64 -8.10 -8.07
C VAL B 79 8.15 -7.93 -7.84
N THR B 80 7.59 -6.85 -8.37
CA THR B 80 6.19 -6.59 -8.12
C THR B 80 5.45 -5.86 -9.22
N PRO B 81 4.13 -6.10 -9.30
CA PRO B 81 3.35 -5.41 -10.31
C PRO B 81 2.95 -4.06 -9.71
N GLU B 82 2.23 -3.27 -10.48
CA GLU B 82 1.78 -1.97 -10.06
C GLU B 82 0.25 -2.04 -9.90
N TYR B 83 -0.27 -1.64 -8.74
CA TYR B 83 -1.70 -1.65 -8.50
C TYR B 83 -2.19 -0.22 -8.28
N ASN B 84 -3.07 0.24 -9.17
CA ASN B 84 -3.64 1.59 -9.06
C ASN B 84 -2.58 2.67 -8.90
N TYR B 85 -1.60 2.66 -9.79
CA TYR B 85 -0.52 3.63 -9.82
C TYR B 85 0.38 3.59 -8.59
N SER B 86 0.38 2.48 -7.87
CA SER B 86 1.22 2.43 -6.68
C SER B 86 1.62 1.01 -6.27
N VAL B 87 2.08 0.89 -5.03
CA VAL B 87 2.50 -0.38 -4.48
C VAL B 87 1.30 -1.24 -4.08
N PRO B 88 1.35 -2.56 -4.40
CA PRO B 88 0.25 -3.45 -4.05
C PRO B 88 0.04 -3.43 -2.54
N GLY B 89 -1.21 -3.33 -2.10
CA GLY B 89 -1.52 -3.31 -0.69
C GLY B 89 -0.93 -4.47 0.08
N GLY B 90 -0.99 -5.66 -0.51
CA GLY B 90 -0.44 -6.84 0.14
C GLY B 90 1.05 -6.69 0.41
N LEU B 91 1.80 -6.31 -0.62
CA LEU B 91 3.23 -6.13 -0.47
C LEU B 91 3.50 -5.02 0.56
N LYS B 92 2.79 -3.90 0.45
CA LYS B 92 2.98 -2.79 1.37
C LYS B 92 2.74 -3.22 2.82
N ASN B 93 1.73 -4.06 3.02
CA ASN B 93 1.38 -4.57 4.35
C ASN B 93 2.50 -5.44 4.92
N ALA B 94 3.13 -6.23 4.06
CA ALA B 94 4.23 -7.08 4.52
C ALA B 94 5.41 -6.17 4.90
N ILE B 95 5.53 -5.03 4.23
CA ILE B 95 6.60 -4.09 4.54
C ILE B 95 6.27 -3.34 5.84
N ASP B 96 5.00 -3.07 6.09
CA ASP B 96 4.64 -2.39 7.32
C ASP B 96 5.06 -3.25 8.54
N TRP B 97 4.78 -4.55 8.49
CA TRP B 97 5.16 -5.44 9.59
C TRP B 97 6.69 -5.44 9.76
N LEU B 98 7.40 -5.65 8.66
CA LEU B 98 8.85 -5.67 8.69
C LEU B 98 9.46 -4.43 9.32
N SER B 99 8.93 -3.27 8.97
CA SER B 99 9.41 -1.99 9.48
C SER B 99 9.27 -1.82 10.99
N ARG B 100 8.50 -2.70 11.62
CA ARG B 100 8.26 -2.62 13.06
C ARG B 100 9.14 -3.53 13.91
N LEU B 101 9.91 -4.38 13.25
CA LEU B 101 10.77 -5.34 13.94
C LEU B 101 12.03 -4.79 14.59
N PRO B 102 12.54 -5.52 15.60
CA PRO B 102 13.76 -5.10 16.28
C PRO B 102 14.81 -5.40 15.21
N ASP B 103 15.79 -4.53 15.04
CA ASP B 103 16.78 -4.77 14.02
C ASP B 103 16.05 -4.89 12.67
N GLN B 104 15.34 -3.81 12.31
CA GLN B 104 14.57 -3.70 11.07
C GLN B 104 15.42 -4.36 9.99
N PRO B 105 14.92 -5.46 9.42
CA PRO B 105 15.61 -6.24 8.37
C PRO B 105 16.11 -5.57 7.10
N LEU B 106 15.50 -4.48 6.66
CA LEU B 106 15.95 -3.82 5.44
C LEU B 106 16.94 -2.67 5.62
N ALA B 107 17.13 -2.22 6.86
CA ALA B 107 18.06 -1.11 7.11
C ALA B 107 19.46 -1.46 6.64
N GLY B 108 20.02 -0.61 5.77
CA GLY B 108 21.35 -0.84 5.23
C GLY B 108 21.41 -2.03 4.28
N LYS B 109 20.25 -2.56 3.89
CA LYS B 109 20.19 -3.71 2.99
C LYS B 109 20.11 -3.33 1.51
N PRO B 110 21.00 -3.88 0.67
CA PRO B 110 20.99 -3.60 -0.77
C PRO B 110 19.69 -4.09 -1.37
N VAL B 111 19.00 -3.22 -2.11
CA VAL B 111 17.73 -3.57 -2.72
C VAL B 111 17.67 -3.25 -4.21
N LEU B 112 17.13 -4.20 -4.98
CA LEU B 112 16.96 -4.02 -6.42
C LEU B 112 15.47 -4.01 -6.72
N ILE B 113 15.01 -3.08 -7.56
CA ILE B 113 13.60 -3.01 -7.90
C ILE B 113 13.26 -3.49 -9.32
N GLN B 114 12.26 -4.36 -9.42
CA GLN B 114 11.82 -4.88 -10.71
C GLN B 114 10.29 -4.89 -10.79
N THR B 115 9.74 -4.39 -11.88
CA THR B 115 8.29 -4.39 -12.03
C THR B 115 7.93 -4.77 -13.46
N SER B 116 6.74 -5.33 -13.61
CA SER B 116 6.24 -5.75 -14.91
C SER B 116 4.73 -5.56 -14.98
N SER B 117 4.27 -5.18 -16.16
CA SER B 117 2.87 -4.94 -16.38
C SER B 117 2.49 -5.31 -17.81
N MET B 118 1.19 -5.43 -18.05
CA MET B 118 0.70 -5.74 -19.39
C MET B 118 0.70 -4.43 -20.17
N GLY B 119 0.78 -3.32 -19.45
CA GLY B 119 0.79 -2.01 -20.08
C GLY B 119 2.18 -1.57 -20.51
N VAL B 120 2.20 -0.58 -21.39
CA VAL B 120 3.42 -0.04 -21.94
C VAL B 120 4.37 0.59 -20.92
N ILE B 121 3.82 1.20 -19.87
CA ILE B 121 4.62 1.85 -18.84
C ILE B 121 5.34 0.86 -17.89
N GLY B 122 4.90 -0.39 -17.90
CA GLY B 122 5.51 -1.43 -17.10
C GLY B 122 5.74 -1.28 -15.61
N GLY B 123 4.82 -0.63 -14.91
CA GLY B 123 4.95 -0.47 -13.46
C GLY B 123 5.88 0.62 -12.94
N ALA B 124 6.23 1.59 -13.78
CA ALA B 124 7.14 2.66 -13.35
C ALA B 124 6.60 3.47 -12.17
N ARG B 125 5.30 3.74 -12.17
CA ARG B 125 4.67 4.53 -11.10
C ARG B 125 4.89 3.86 -9.74
N CYS B 126 4.69 2.55 -9.70
CA CYS B 126 4.87 1.79 -8.48
C CYS B 126 6.27 1.96 -7.93
N GLN B 127 7.26 1.96 -8.83
CA GLN B 127 8.65 2.06 -8.43
C GLN B 127 9.07 3.34 -7.71
N TYR B 128 8.54 4.49 -8.10
CA TYR B 128 8.97 5.70 -7.43
C TYR B 128 8.34 5.85 -6.04
N HIS B 129 7.14 5.32 -5.85
CA HIS B 129 6.52 5.37 -4.53
C HIS B 129 7.26 4.41 -3.59
N LEU B 130 7.68 3.28 -4.16
CA LEU B 130 8.41 2.26 -3.39
C LEU B 130 9.73 2.80 -2.89
N ARG B 131 10.44 3.55 -3.72
CA ARG B 131 11.71 4.12 -3.33
C ARG B 131 11.52 5.08 -2.16
N GLN B 132 10.43 5.86 -2.19
CA GLN B 132 10.17 6.79 -1.10
C GLN B 132 9.99 6.01 0.18
N ILE B 133 9.34 4.85 0.08
CA ILE B 133 9.11 3.99 1.23
C ILE B 133 10.43 3.42 1.75
N LEU B 134 11.25 2.88 0.85
CA LEU B 134 12.53 2.28 1.21
C LEU B 134 13.52 3.30 1.80
N VAL B 135 13.31 4.57 1.51
CA VAL B 135 14.18 5.61 2.04
C VAL B 135 14.01 5.67 3.55
N PHE B 136 12.77 5.67 4.00
CA PHE B 136 12.49 5.71 5.43
C PHE B 136 13.03 4.46 6.12
N LEU B 137 12.91 3.32 5.44
CA LEU B 137 13.38 2.06 6.00
C LEU B 137 14.91 1.93 5.88
N ASP B 138 15.52 2.96 5.32
CA ASP B 138 16.97 3.05 5.13
C ASP B 138 17.62 1.91 4.34
N ALA B 139 16.96 1.47 3.28
CA ALA B 139 17.53 0.42 2.44
C ALA B 139 18.49 1.09 1.45
N MET B 140 19.45 0.33 0.94
CA MET B 140 20.42 0.85 -0.02
C MET B 140 19.88 0.46 -1.39
N VAL B 141 19.17 1.39 -2.03
CA VAL B 141 18.57 1.12 -3.33
C VAL B 141 19.46 1.57 -4.48
N MET B 142 19.68 0.66 -5.43
CA MET B 142 20.51 0.94 -6.58
C MET B 142 19.81 1.88 -7.55
N ASN B 143 20.54 2.86 -8.07
CA ASN B 143 19.95 3.78 -9.05
C ASN B 143 19.80 2.97 -10.35
N LYS B 144 20.43 3.44 -11.42
CA LYS B 144 20.34 2.75 -12.71
C LYS B 144 21.28 1.53 -12.76
N PRO B 145 20.98 0.57 -13.64
CA PRO B 145 19.84 0.54 -14.56
C PRO B 145 18.52 0.12 -13.89
N GLU B 146 17.42 0.62 -14.44
CA GLU B 146 16.09 0.31 -13.96
C GLU B 146 15.47 -0.73 -14.88
N PHE B 147 14.50 -1.48 -14.38
CA PHE B 147 13.83 -2.47 -15.20
C PHE B 147 12.32 -2.32 -15.13
N MET B 148 11.71 -2.05 -16.27
CA MET B 148 10.26 -1.94 -16.36
C MET B 148 9.82 -2.81 -17.51
N GLY B 149 9.24 -3.95 -17.19
CA GLY B 149 8.79 -4.85 -18.24
C GLY B 149 7.41 -4.53 -18.77
N GLY B 150 7.34 -3.76 -19.86
CA GLY B 150 6.05 -3.45 -20.46
C GLY B 150 5.53 -4.56 -21.36
N VAL B 151 4.21 -4.65 -21.52
CA VAL B 151 3.62 -5.70 -22.35
C VAL B 151 4.30 -7.03 -22.02
N ILE B 152 4.39 -7.30 -20.72
CA ILE B 152 5.03 -8.50 -20.22
C ILE B 152 4.44 -9.82 -20.75
N GLN B 153 3.14 -9.82 -21.06
CA GLN B 153 2.50 -11.05 -21.55
C GLN B 153 3.06 -11.61 -22.85
N ASN B 154 3.59 -10.76 -23.73
CA ASN B 154 4.16 -11.23 -24.99
C ASN B 154 5.66 -11.50 -24.90
N LYS B 155 6.18 -11.70 -23.70
CA LYS B 155 7.61 -11.95 -23.53
C LYS B 155 7.89 -13.18 -22.69
N VAL B 156 6.83 -13.88 -22.31
CA VAL B 156 6.99 -15.07 -21.47
C VAL B 156 6.44 -16.32 -22.15
N ASP B 157 6.67 -17.47 -21.52
CA ASP B 157 6.17 -18.75 -22.00
C ASP B 157 5.23 -19.29 -20.92
N PRO B 158 3.93 -19.41 -21.23
CA PRO B 158 2.93 -19.90 -20.28
C PRO B 158 3.25 -21.26 -19.65
N GLN B 159 3.70 -22.21 -20.46
CA GLN B 159 4.03 -23.55 -19.97
C GLN B 159 5.11 -23.54 -18.91
N THR B 160 6.30 -23.09 -19.29
CA THR B 160 7.45 -23.04 -18.39
C THR B 160 7.29 -22.01 -17.28
N GLY B 161 6.50 -20.97 -17.54
CA GLY B 161 6.33 -19.92 -16.56
C GLY B 161 7.63 -19.13 -16.43
N GLU B 162 8.25 -18.83 -17.57
CA GLU B 162 9.50 -18.06 -17.56
C GLU B 162 9.59 -17.06 -18.72
N VAL B 163 10.53 -16.15 -18.61
CA VAL B 163 10.74 -15.14 -19.64
C VAL B 163 11.58 -15.77 -20.75
N ILE B 164 11.19 -15.54 -22.00
CA ILE B 164 11.95 -16.09 -23.13
C ILE B 164 12.37 -15.01 -24.13
N ASP B 165 11.74 -13.84 -24.07
CA ASP B 165 12.10 -12.77 -25.00
C ASP B 165 13.56 -12.41 -24.76
N GLN B 166 14.38 -12.60 -25.79
CA GLN B 166 15.81 -12.33 -25.73
C GLN B 166 16.15 -10.94 -25.18
N GLY B 167 15.48 -9.91 -25.70
CA GLY B 167 15.73 -8.56 -25.25
C GLY B 167 15.54 -8.37 -23.76
N THR B 168 14.45 -8.92 -23.24
CA THR B 168 14.13 -8.82 -21.81
C THR B 168 15.17 -9.57 -20.98
N LEU B 169 15.58 -10.74 -21.45
CA LEU B 169 16.58 -11.56 -20.76
C LEU B 169 17.92 -10.85 -20.60
N ASP B 170 18.37 -10.14 -21.64
CA ASP B 170 19.65 -9.42 -21.59
C ASP B 170 19.63 -8.28 -20.59
N HIS B 171 18.56 -7.50 -20.57
CA HIS B 171 18.45 -6.39 -19.63
C HIS B 171 18.37 -6.92 -18.20
N LEU B 172 17.63 -8.01 -18.04
CA LEU B 172 17.47 -8.65 -16.75
C LEU B 172 18.83 -9.12 -16.26
N THR B 173 19.62 -9.71 -17.16
CA THR B 173 20.95 -10.19 -16.83
C THR B 173 21.88 -9.01 -16.55
N GLY B 174 21.74 -7.95 -17.34
CA GLY B 174 22.56 -6.77 -17.14
C GLY B 174 22.33 -6.16 -15.77
N GLN B 175 21.07 -5.97 -15.40
CA GLN B 175 20.75 -5.38 -14.10
C GLN B 175 21.30 -6.23 -12.96
N LEU B 176 21.08 -7.54 -13.02
CA LEU B 176 21.58 -8.43 -11.97
C LEU B 176 23.08 -8.26 -11.78
N THR B 177 23.80 -8.16 -12.89
CA THR B 177 25.24 -7.99 -12.86
C THR B 177 25.59 -6.67 -12.16
N ALA B 178 24.85 -5.62 -12.49
CA ALA B 178 25.06 -4.33 -11.86
C ALA B 178 24.75 -4.45 -10.36
N PHE B 179 23.68 -5.17 -10.03
CA PHE B 179 23.30 -5.36 -8.63
C PHE B 179 24.39 -6.16 -7.89
N GLY B 180 24.99 -7.12 -8.58
CA GLY B 180 26.04 -7.92 -7.96
C GLY B 180 27.23 -7.04 -7.64
N GLU B 181 27.59 -6.18 -8.57
CA GLU B 181 28.71 -5.28 -8.36
C GLU B 181 28.30 -4.26 -7.30
N PHE B 182 27.02 -3.88 -7.30
CA PHE B 182 26.50 -2.93 -6.33
C PHE B 182 26.68 -3.52 -4.93
N ILE B 183 26.17 -4.74 -4.74
CA ILE B 183 26.25 -5.42 -3.45
C ILE B 183 27.67 -5.40 -2.89
N GLN B 184 28.67 -5.49 -3.75
CA GLN B 184 30.05 -5.45 -3.28
C GLN B 184 30.28 -4.06 -2.67
N ARG B 185 29.67 -3.84 -1.52
CA ARG B 185 29.76 -2.58 -0.80
C ARG B 185 29.20 -2.80 0.60
#